data_3CJG
#
_entry.id   3CJG
#
_cell.length_a   37.700
_cell.length_b   95.540
_cell.length_c   97.010
_cell.angle_alpha   90.00
_cell.angle_beta   90.00
_cell.angle_gamma   90.00
#
_symmetry.space_group_name_H-M   'P 21 21 21'
#
loop_
_entity.id
_entity.type
_entity.pdbx_description
1 polymer 'Vascular endothelial growth factor receptor 2'
2 non-polymer 'SULFATE ION'
3 non-polymer N~4~-methyl-N~4~-(3-methyl-1H-indazol-6-yl)-N~2~-(3,4,5-trimethoxyphenyl)pyrimidine-2,4-diamine
4 water water
#
_entity_poly.entity_id   1
_entity_poly.type   'polypeptide(L)'
_entity_poly.pdbx_seq_one_letter_code
;MDPDELPLDEHCERLPYDASKWEFPRDRLNLGKPLGRGAFGQVIEADAFGIDKTAT(CSO)RTVAVKMLKEGATHSEHRA
LMSELKILIHIGHHLNVVNLLGACTKPGGPLMVIVEFCKFGNLSTYLRSKRNEFVPYKDLYKDFLTLEHLICYSFQVAKG
MEFLASRK(CSO)IHRDLAARNILLSEKNVVKICDFGLARDIYKDPDYVRKGDARLPLKWMAPETIFDRVYTIQSDVWSF
GVLLWEIFSLGASPYPGVKIDEEFCRRLKEGTRMRAPDYTTPEMYQTMLDCWHGEPSQRPTFSELVEHLGNLLQANA
;
_entity_poly.pdbx_strand_id   A
#
# COMPACT_ATOMS: atom_id res chain seq x y z
N HIS A 11 11.31 7.39 17.35
CA HIS A 11 11.57 6.62 18.60
C HIS A 11 11.12 5.15 18.46
N CYS A 12 11.52 4.55 17.33
CA CYS A 12 11.23 3.15 17.05
C CYS A 12 12.51 2.32 17.01
N GLU A 13 13.62 2.94 17.43
CA GLU A 13 14.85 2.22 17.72
C GLU A 13 14.69 1.52 19.07
N ARG A 14 14.17 2.28 20.05
CA ARG A 14 13.93 1.73 21.38
C ARG A 14 13.20 0.38 21.32
N LEU A 15 12.23 0.27 20.42
CA LEU A 15 11.31 -0.86 20.38
C LEU A 15 12.01 -2.20 20.55
N PRO A 16 11.32 -3.16 21.18
CA PRO A 16 11.91 -4.47 21.47
C PRO A 16 12.08 -5.29 20.22
N TYR A 17 13.06 -6.18 20.22
CA TYR A 17 13.11 -7.24 19.23
C TYR A 17 13.14 -8.61 19.91
N ASP A 18 12.04 -9.34 19.84
CA ASP A 18 11.98 -10.69 20.40
C ASP A 18 12.55 -11.68 19.40
N ALA A 19 13.80 -12.06 19.57
CA ALA A 19 14.46 -12.90 18.61
C ALA A 19 13.85 -14.30 18.54
N SER A 20 13.45 -14.83 19.69
CA SER A 20 12.78 -16.13 19.78
C SER A 20 11.59 -16.21 18.84
N LYS A 21 10.80 -15.14 18.79
CA LYS A 21 9.63 -15.08 17.94
C LYS A 21 9.99 -14.84 16.47
N TRP A 22 10.97 -13.99 16.18
CA TRP A 22 11.15 -13.53 14.79
C TRP A 22 12.39 -14.02 14.06
N GLU A 23 13.41 -14.43 14.78
CA GLU A 23 14.72 -14.67 14.16
C GLU A 23 14.64 -15.93 13.31
N PHE A 24 15.13 -15.85 12.07
CA PHE A 24 15.13 -16.99 11.14
C PHE A 24 16.58 -17.23 10.77
N PRO A 25 17.00 -18.49 10.72
CA PRO A 25 18.39 -18.80 10.38
C PRO A 25 18.77 -18.49 8.92
N ARG A 26 19.91 -17.86 8.73
CA ARG A 26 20.32 -17.44 7.40
C ARG A 26 20.58 -18.64 6.49
N ASP A 27 21.02 -19.78 7.07
CA ASP A 27 21.28 -20.99 6.27
C ASP A 27 20.01 -21.71 5.77
N ARG A 28 18.85 -21.17 6.05
CA ARG A 28 17.58 -21.71 5.54
C ARG A 28 16.90 -20.71 4.60
N LEU A 29 17.68 -19.70 4.21
CA LEU A 29 17.28 -18.75 3.21
C LEU A 29 18.16 -18.85 1.95
N ASN A 30 17.49 -19.02 0.83
CA ASN A 30 18.15 -19.18 -0.46
C ASN A 30 17.76 -17.96 -1.29
N LEU A 31 18.72 -17.06 -1.56
CA LEU A 31 18.41 -15.80 -2.26
C LEU A 31 18.26 -16.06 -3.74
N GLY A 32 17.27 -15.40 -4.35
CA GLY A 32 16.96 -15.52 -5.77
C GLY A 32 17.17 -14.21 -6.53
N LYS A 33 16.24 -13.87 -7.42
CA LYS A 33 16.34 -12.64 -8.21
C LYS A 33 15.94 -11.39 -7.43
N PRO A 34 16.65 -10.26 -7.68
CA PRO A 34 16.23 -8.98 -7.14
C PRO A 34 14.85 -8.55 -7.64
N LEU A 35 14.12 -7.90 -6.74
CA LEU A 35 12.82 -7.30 -7.02
C LEU A 35 12.95 -5.78 -7.06
N GLY A 36 14.18 -5.28 -7.08
CA GLY A 36 14.46 -3.93 -7.53
C GLY A 36 15.13 -2.98 -6.54
N ARG A 37 15.67 -1.91 -7.13
CA ARG A 37 16.13 -0.69 -6.44
C ARG A 37 17.45 -0.86 -5.67
N GLY A 41 18.71 0.33 0.11
CA GLY A 41 18.22 -1.00 0.47
C GLY A 41 17.80 -1.81 -0.75
N GLN A 42 18.07 -3.11 -0.74
CA GLN A 42 17.66 -3.99 -1.85
C GLN A 42 16.67 -5.07 -1.45
N VAL A 43 15.68 -5.26 -2.31
CA VAL A 43 14.71 -6.31 -2.14
C VAL A 43 15.00 -7.45 -3.12
N ILE A 44 15.03 -8.66 -2.58
CA ILE A 44 15.29 -9.87 -3.35
C ILE A 44 14.23 -10.95 -3.08
N GLU A 45 13.88 -11.66 -4.14
CA GLU A 45 13.04 -12.83 -4.05
C GLU A 45 13.92 -13.93 -3.46
N ALA A 46 13.35 -14.77 -2.58
CA ALA A 46 14.09 -15.87 -1.95
C ALA A 46 13.21 -17.08 -1.63
N ASP A 47 13.87 -18.20 -1.35
CA ASP A 47 13.21 -19.43 -0.84
C ASP A 47 13.62 -19.66 0.61
N ALA A 48 12.63 -19.81 1.48
CA ALA A 48 12.83 -20.00 2.92
C ALA A 48 12.21 -21.32 3.32
N PHE A 49 12.99 -22.15 3.99
CA PHE A 49 12.46 -23.41 4.43
C PHE A 49 12.03 -23.26 5.90
N GLY A 50 10.75 -23.59 6.16
CA GLY A 50 10.25 -23.71 7.49
C GLY A 50 9.95 -22.38 8.16
N ILE A 51 9.69 -21.34 7.38
CA ILE A 51 9.47 -20.01 7.97
C ILE A 51 8.10 -19.85 8.66
N ASP A 52 7.09 -20.62 8.25
CA ASP A 52 5.81 -20.66 8.99
C ASP A 52 5.75 -21.85 9.93
N LYS A 53 6.91 -22.43 10.22
CA LYS A 53 7.08 -23.58 11.11
C LYS A 53 6.59 -24.93 10.54
N THR A 54 6.09 -24.95 9.32
CA THR A 54 5.74 -26.20 8.66
C THR A 54 6.93 -26.61 7.82
N ALA A 55 6.99 -27.89 7.43
CA ALA A 55 8.09 -28.47 6.66
C ALA A 55 8.12 -28.08 5.15
N THR A 56 7.90 -26.82 4.84
CA THR A 56 7.73 -26.40 3.45
C THR A 56 8.77 -25.37 3.02
N ARG A 58 9.07 -22.09 0.98
N ARG A 58 8.92 -21.93 1.13
CA ARG A 58 8.19 -21.02 0.53
CA ARG A 58 8.08 -20.81 0.71
C ARG A 58 8.95 -19.81 -0.05
C ARG A 58 8.92 -19.74 0.00
N THR A 59 8.38 -19.19 -1.09
CA THR A 59 8.95 -18.00 -1.71
C THR A 59 8.62 -16.82 -0.85
N VAL A 60 9.65 -16.02 -0.56
CA VAL A 60 9.48 -14.86 0.28
C VAL A 60 10.18 -13.69 -0.39
N ALA A 61 9.98 -12.48 0.15
CA ALA A 61 10.71 -11.28 -0.26
C ALA A 61 11.60 -10.83 0.88
N VAL A 62 12.82 -10.40 0.55
CA VAL A 62 13.80 -10.05 1.56
C VAL A 62 14.41 -8.71 1.25
N LYS A 63 14.25 -7.79 2.21
CA LYS A 63 14.92 -6.50 2.18
C LYS A 63 16.24 -6.64 2.93
N MET A 64 17.33 -6.37 2.24
CA MET A 64 18.63 -6.34 2.87
C MET A 64 19.35 -5.06 2.44
N LEU A 65 20.52 -4.81 3.02
CA LEU A 65 21.23 -3.56 2.71
C LEU A 65 22.09 -3.70 1.45
N LYS A 66 22.55 -2.56 0.97
CA LYS A 66 23.51 -2.49 -0.13
C LYS A 66 24.91 -2.69 0.43
N GLU A 67 25.89 -2.73 -0.46
CA GLU A 67 27.29 -2.87 -0.09
C GLU A 67 27.83 -1.48 0.27
N GLY A 68 27.69 -1.12 1.54
CA GLY A 68 28.08 0.21 2.04
C GLY A 68 28.00 0.25 3.56
N ALA A 69 26.84 -0.16 4.09
CA ALA A 69 26.69 -0.50 5.50
C ALA A 69 26.89 0.66 6.49
N THR A 70 26.35 1.84 6.18
CA THR A 70 26.37 2.95 7.15
C THR A 70 25.48 2.63 8.35
N HIS A 71 25.69 3.34 9.45
CA HIS A 71 24.94 3.14 10.67
C HIS A 71 23.49 3.56 10.48
N SER A 72 23.29 4.70 9.83
CA SER A 72 21.95 5.23 9.62
C SER A 72 21.10 4.30 8.75
N GLU A 73 21.72 3.69 7.74
CA GLU A 73 21.03 2.68 6.90
C GLU A 73 20.61 1.45 7.70
N HIS A 74 21.53 0.91 8.50
CA HIS A 74 21.25 -0.23 9.38
C HIS A 74 20.23 0.12 10.46
N ARG A 75 20.33 1.32 11.02
CA ARG A 75 19.30 1.88 11.93
C ARG A 75 17.94 1.92 11.27
N ALA A 76 17.90 2.44 10.04
CA ALA A 76 16.65 2.61 9.33
C ALA A 76 15.98 1.26 9.12
N LEU A 77 16.72 0.28 8.62
CA LEU A 77 16.13 -1.03 8.34
C LEU A 77 15.66 -1.70 9.64
N MET A 78 16.45 -1.56 10.70
CA MET A 78 16.05 -2.08 12.01
C MET A 78 14.75 -1.42 12.47
N SER A 79 14.57 -0.14 12.16
CA SER A 79 13.34 0.56 12.50
C SER A 79 12.12 0.04 11.72
N GLU A 80 12.29 -0.14 10.41
N GLU A 80 12.27 -0.16 10.41
CA GLU A 80 11.28 -0.80 9.57
CA GLU A 80 11.17 -0.76 9.63
C GLU A 80 10.78 -2.09 10.22
C GLU A 80 10.75 -2.12 10.20
N LEU A 81 11.72 -2.92 10.66
CA LEU A 81 11.42 -4.24 11.22
C LEU A 81 10.56 -4.12 12.47
N LYS A 82 11.02 -3.29 13.40
CA LYS A 82 10.32 -3.09 14.66
C LYS A 82 8.95 -2.44 14.46
N ILE A 83 8.83 -1.54 13.50
CA ILE A 83 7.53 -0.97 13.17
C ILE A 83 6.55 -2.05 12.72
N LEU A 84 7.01 -2.93 11.82
CA LEU A 84 6.19 -4.05 11.34
C LEU A 84 5.81 -5.01 12.48
N ILE A 85 6.75 -5.32 13.36
CA ILE A 85 6.45 -6.12 14.55
C ILE A 85 5.38 -5.41 15.38
N HIS A 86 5.57 -4.11 15.58
CA HIS A 86 4.61 -3.37 16.39
C HIS A 86 3.20 -3.36 15.78
N ILE A 87 3.13 -3.10 14.48
CA ILE A 87 1.87 -2.99 13.76
C ILE A 87 1.05 -4.27 13.96
N GLY A 88 1.67 -5.42 13.69
CA GLY A 88 0.99 -6.70 13.78
C GLY A 88 0.44 -7.14 12.43
N HIS A 89 -0.17 -8.32 12.42
CA HIS A 89 -0.56 -8.96 11.16
C HIS A 89 -1.94 -8.47 10.73
N HIS A 90 -2.12 -8.35 9.43
CA HIS A 90 -3.44 -8.22 8.85
C HIS A 90 -3.36 -8.78 7.43
N LEU A 91 -4.44 -9.38 6.97
CA LEU A 91 -4.50 -9.91 5.60
C LEU A 91 -4.10 -8.87 4.50
N ASN A 92 -4.47 -7.60 4.72
CA ASN A 92 -4.28 -6.57 3.70
C ASN A 92 -3.10 -5.60 3.95
N VAL A 93 -2.10 -6.07 4.67
CA VAL A 93 -0.76 -5.44 4.66
C VAL A 93 0.26 -6.50 4.37
N VAL A 94 1.40 -6.12 3.80
CA VAL A 94 2.51 -7.04 3.59
C VAL A 94 3.05 -7.45 4.95
N ASN A 95 2.91 -8.72 5.32
CA ASN A 95 3.30 -9.15 6.65
C ASN A 95 4.72 -9.69 6.80
N LEU A 96 5.27 -9.36 7.95
CA LEU A 96 6.56 -9.82 8.41
C LEU A 96 6.50 -11.31 8.70
N LEU A 97 7.46 -12.06 8.19
CA LEU A 97 7.58 -13.47 8.50
C LEU A 97 8.75 -13.77 9.42
N GLY A 98 9.76 -12.92 9.41
CA GLY A 98 10.95 -13.21 10.23
C GLY A 98 12.09 -12.29 9.84
N ALA A 99 13.24 -12.46 10.47
CA ALA A 99 14.35 -11.61 10.19
C ALA A 99 15.64 -12.27 10.58
N CYS A 100 16.71 -11.81 9.94
CA CYS A 100 18.07 -12.20 10.26
C CYS A 100 18.81 -10.96 10.76
N THR A 101 19.09 -10.94 12.07
CA THR A 101 19.64 -9.78 12.75
C THR A 101 20.92 -10.09 13.52
N LYS A 102 21.22 -11.36 13.78
CA LYS A 102 22.37 -11.69 14.61
C LYS A 102 23.70 -11.52 13.87
N PRO A 103 24.82 -11.32 14.61
CA PRO A 103 26.13 -10.96 14.03
C PRO A 103 26.69 -11.84 12.88
N GLY A 104 26.19 -13.05 12.69
CA GLY A 104 26.66 -13.87 11.55
C GLY A 104 26.90 -13.21 10.17
N GLY A 105 25.91 -12.47 9.66
CA GLY A 105 25.89 -12.02 8.26
C GLY A 105 25.05 -10.77 8.07
N PRO A 106 24.43 -10.59 6.89
CA PRO A 106 23.70 -9.33 6.66
C PRO A 106 22.36 -9.23 7.37
N LEU A 107 21.97 -7.99 7.66
CA LEU A 107 20.63 -7.67 8.15
C LEU A 107 19.61 -7.89 7.05
N MET A 108 18.60 -8.70 7.34
CA MET A 108 17.64 -9.07 6.32
C MET A 108 16.26 -9.10 6.94
N VAL A 109 15.28 -8.50 6.26
CA VAL A 109 13.91 -8.46 6.74
C VAL A 109 13.03 -9.27 5.81
N ILE A 110 12.37 -10.29 6.33
CA ILE A 110 11.70 -11.28 5.50
C ILE A 110 10.18 -11.10 5.59
N VAL A 111 9.57 -10.82 4.43
CA VAL A 111 8.14 -10.60 4.34
C VAL A 111 7.49 -11.53 3.33
N GLU A 112 6.16 -11.53 3.36
CA GLU A 112 5.32 -12.25 2.40
C GLU A 112 5.58 -11.77 0.98
N PHE A 113 5.74 -12.71 0.04
CA PHE A 113 6.01 -12.41 -1.37
C PHE A 113 4.69 -12.24 -2.12
N CYS A 114 4.56 -11.11 -2.79
CA CYS A 114 3.39 -10.84 -3.63
C CYS A 114 3.83 -11.02 -5.08
N LYS A 115 3.34 -12.09 -5.70
CA LYS A 115 3.90 -12.53 -6.98
C LYS A 115 3.55 -11.66 -8.19
N PHE A 116 2.49 -10.86 -8.09
CA PHE A 116 2.04 -10.00 -9.21
C PHE A 116 2.59 -8.57 -9.18
N GLY A 117 3.38 -8.24 -8.17
CA GLY A 117 4.02 -6.93 -8.09
C GLY A 117 3.00 -5.86 -7.79
N ASN A 118 3.31 -4.62 -8.12
CA ASN A 118 2.50 -3.48 -7.71
C ASN A 118 1.22 -3.37 -8.53
N LEU A 119 0.18 -2.84 -7.90
CA LEU A 119 -1.15 -2.81 -8.50
C LEU A 119 -1.27 -1.86 -9.67
N SER A 120 -0.60 -0.71 -9.60
CA SER A 120 -0.61 0.24 -10.73
C SER A 120 -0.14 -0.39 -12.04
N THR A 121 0.98 -1.11 -11.99
CA THR A 121 1.52 -1.77 -13.16
C THR A 121 0.63 -2.92 -13.63
N TYR A 122 0.14 -3.72 -12.69
CA TYR A 122 -0.78 -4.79 -13.04
C TYR A 122 -2.01 -4.26 -13.75
N LEU A 123 -2.63 -3.24 -13.17
CA LEU A 123 -3.84 -2.66 -13.75
C LEU A 123 -3.62 -2.14 -15.16
N ARG A 124 -2.46 -1.51 -15.41
CA ARG A 124 -2.11 -1.03 -16.75
C ARG A 124 -2.02 -2.17 -17.76
N SER A 125 -1.46 -3.29 -17.32
CA SER A 125 -1.28 -4.45 -18.20
C SER A 125 -2.58 -5.17 -18.55
N LYS A 126 -3.72 -4.74 -18.00
CA LYS A 126 -4.97 -5.45 -18.17
C LYS A 126 -6.04 -4.57 -18.82
N ARG A 127 -5.62 -3.50 -19.47
CA ARG A 127 -6.55 -2.56 -20.07
C ARG A 127 -7.34 -3.10 -21.28
N ASN A 128 -6.73 -4.02 -22.03
CA ASN A 128 -7.44 -4.70 -23.10
C ASN A 128 -8.01 -6.04 -22.63
N GLU A 129 -7.83 -6.33 -21.35
CA GLU A 129 -8.39 -7.51 -20.69
C GLU A 129 -9.31 -7.08 -19.54
N PHE A 130 -10.14 -6.06 -19.79
CA PHE A 130 -11.14 -5.62 -18.82
C PHE A 130 -12.52 -5.51 -19.45
N VAL A 131 -13.53 -5.90 -18.69
CA VAL A 131 -14.93 -5.75 -19.07
C VAL A 131 -15.72 -5.50 -17.77
N PRO A 132 -16.64 -4.52 -17.78
CA PRO A 132 -17.38 -4.28 -16.53
C PRO A 132 -18.37 -5.40 -16.28
N TYR A 133 -18.80 -5.59 -15.04
CA TYR A 133 -20.04 -6.36 -14.75
C TYR A 133 -20.23 -7.70 -15.49
N LYS A 134 -19.19 -8.25 -16.10
CA LYS A 134 -19.35 -9.32 -17.08
C LYS A 134 -18.30 -10.42 -16.96
N ASP A 135 -19.79 -13.36 -21.77
CA ASP A 135 -20.01 -14.78 -22.04
C ASP A 135 -18.70 -15.58 -21.94
N LEU A 136 -18.22 -15.73 -20.72
CA LEU A 136 -17.00 -16.49 -20.44
C LEU A 136 -15.83 -16.02 -21.30
N TYR A 137 -15.38 -14.80 -21.00
CA TYR A 137 -14.16 -14.25 -21.58
C TYR A 137 -13.01 -15.16 -21.12
N LYS A 138 -12.73 -15.16 -19.81
CA LYS A 138 -12.03 -16.27 -19.13
C LYS A 138 -10.68 -15.92 -18.48
N ASP A 139 -10.46 -14.64 -18.16
CA ASP A 139 -9.29 -14.20 -17.40
C ASP A 139 -9.29 -12.69 -17.03
N PHE A 140 -10.35 -11.98 -17.39
CA PHE A 140 -10.32 -10.53 -17.43
C PHE A 140 -10.67 -9.93 -16.08
N LEU A 141 -10.27 -8.69 -15.88
CA LEU A 141 -10.72 -7.88 -14.74
C LEU A 141 -12.14 -7.37 -14.99
N THR A 142 -12.86 -7.14 -13.89
CA THR A 142 -14.20 -6.62 -13.94
C THR A 142 -14.36 -5.57 -12.85
N LEU A 143 -15.50 -4.87 -12.84
CA LEU A 143 -15.83 -3.95 -11.76
C LEU A 143 -15.79 -4.61 -10.37
N GLU A 144 -16.16 -5.88 -10.32
CA GLU A 144 -16.12 -6.65 -9.08
C GLU A 144 -14.71 -6.67 -8.50
N HIS A 145 -13.71 -6.96 -9.35
CA HIS A 145 -12.31 -7.02 -8.92
C HIS A 145 -11.85 -5.66 -8.42
N LEU A 146 -12.21 -4.62 -9.17
CA LEU A 146 -11.79 -3.25 -8.83
C LEU A 146 -12.37 -2.81 -7.51
N ILE A 147 -13.65 -3.06 -7.30
CA ILE A 147 -14.30 -2.71 -6.04
C ILE A 147 -13.75 -3.58 -4.91
N CYS A 148 -13.39 -4.83 -5.24
CA CYS A 148 -12.80 -5.73 -4.27
C CYS A 148 -11.42 -5.23 -3.83
N TYR A 149 -10.58 -4.81 -4.76
CA TYR A 149 -9.29 -4.26 -4.41
C TYR A 149 -9.45 -3.01 -3.53
N SER A 150 -10.42 -2.17 -3.86
CA SER A 150 -10.65 -0.91 -3.16
C SER A 150 -11.03 -1.23 -1.72
N PHE A 151 -12.01 -2.12 -1.58
CA PHE A 151 -12.47 -2.59 -0.28
C PHE A 151 -11.31 -3.10 0.58
N GLN A 152 -10.43 -3.89 -0.01
CA GLN A 152 -9.30 -4.48 0.68
C GLN A 152 -8.30 -3.43 1.21
N VAL A 153 -7.99 -2.43 0.38
CA VAL A 153 -7.08 -1.38 0.81
C VAL A 153 -7.69 -0.57 1.95
N ALA A 154 -8.98 -0.27 1.84
CA ALA A 154 -9.74 0.33 2.93
C ALA A 154 -9.64 -0.47 4.23
N LYS A 155 -9.83 -1.79 4.15
CA LYS A 155 -9.66 -2.68 5.31
C LYS A 155 -8.26 -2.58 5.88
N GLY A 156 -7.25 -2.62 5.01
CA GLY A 156 -5.85 -2.49 5.44
C GLY A 156 -5.61 -1.17 6.15
N MET A 157 -6.20 -0.10 5.62
CA MET A 157 -6.02 1.24 6.20
C MET A 157 -6.75 1.44 7.53
N GLU A 158 -7.97 0.93 7.64
CA GLU A 158 -8.69 0.93 8.90
C GLU A 158 -7.89 0.19 9.97
N PHE A 159 -7.24 -0.90 9.58
CA PHE A 159 -6.36 -1.62 10.47
C PHE A 159 -5.17 -0.74 10.89
N LEU A 160 -4.48 -0.14 9.93
CA LEU A 160 -3.33 0.72 10.26
C LEU A 160 -3.76 1.88 11.18
N ALA A 161 -4.92 2.47 10.88
CA ALA A 161 -5.50 3.54 11.69
C ALA A 161 -5.70 3.09 13.13
N SER A 162 -6.23 1.88 13.32
CA SER A 162 -6.41 1.33 14.66
C SER A 162 -5.10 1.06 15.40
N ARG A 163 -4.00 0.91 14.65
CA ARG A 163 -2.66 0.78 15.25
C ARG A 163 -2.02 2.15 15.38
N LYS A 164 -2.80 3.21 15.18
CA LYS A 164 -2.34 4.59 15.32
C LYS A 164 -1.18 4.91 14.36
N ILE A 166 -0.06 6.45 10.43
CA ILE A 166 -0.34 7.20 9.22
C ILE A 166 0.64 6.65 8.18
N HIS A 167 0.14 6.29 7.00
CA HIS A 167 0.97 5.71 5.95
C HIS A 167 1.80 6.78 5.26
N ARG A 168 1.13 7.86 4.85
CA ARG A 168 1.79 9.03 4.24
C ARG A 168 2.27 8.84 2.80
N ASP A 169 2.05 7.68 2.21
CA ASP A 169 2.46 7.43 0.82
C ASP A 169 1.54 6.40 0.14
N LEU A 170 0.24 6.58 0.36
CA LEU A 170 -0.75 5.64 -0.09
C LEU A 170 -1.05 5.87 -1.57
N ALA A 171 -0.61 4.94 -2.41
CA ALA A 171 -0.73 5.03 -3.86
C ALA A 171 -0.69 3.60 -4.41
N ALA A 172 -1.28 3.41 -5.59
CA ALA A 172 -1.39 2.07 -6.20
C ALA A 172 -0.04 1.35 -6.33
N ARG A 173 1.04 2.10 -6.57
CA ARG A 173 2.38 1.54 -6.65
C ARG A 173 2.85 0.95 -5.32
N ASN A 174 2.22 1.38 -4.22
CA ASN A 174 2.50 0.82 -2.88
C ASN A 174 1.45 -0.19 -2.42
N ILE A 175 0.60 -0.62 -3.35
CA ILE A 175 -0.27 -1.76 -3.13
C ILE A 175 0.25 -2.92 -3.96
N LEU A 176 0.39 -4.08 -3.33
CA LEU A 176 0.94 -5.23 -3.98
C LEU A 176 -0.13 -6.28 -4.16
N LEU A 177 -0.08 -6.99 -5.29
CA LEU A 177 -1.08 -7.98 -5.61
C LEU A 177 -0.51 -9.37 -5.45
N SER A 178 -1.28 -10.18 -4.76
CA SER A 178 -0.89 -11.53 -4.41
C SER A 178 -1.82 -12.49 -5.15
N GLU A 179 -1.77 -13.76 -4.75
CA GLU A 179 -2.63 -14.78 -5.33
C GLU A 179 -4.04 -14.62 -4.79
N LYS A 180 -5.01 -15.13 -5.52
CA LYS A 180 -6.42 -15.14 -5.09
C LYS A 180 -6.96 -13.75 -4.86
N ASN A 181 -6.50 -12.81 -5.69
CA ASN A 181 -6.93 -11.41 -5.67
C ASN A 181 -6.79 -10.68 -4.32
N VAL A 182 -5.84 -11.13 -3.51
CA VAL A 182 -5.51 -10.46 -2.26
C VAL A 182 -4.53 -9.36 -2.57
N VAL A 183 -4.87 -8.14 -2.17
CA VAL A 183 -3.98 -7.00 -2.26
C VAL A 183 -3.54 -6.64 -0.85
N LYS A 184 -2.33 -6.08 -0.78
CA LYS A 184 -1.65 -5.82 0.48
C LYS A 184 -0.95 -4.47 0.39
N ILE A 185 -1.16 -3.65 1.40
CA ILE A 185 -0.49 -2.38 1.54
C ILE A 185 0.96 -2.64 1.91
N CYS A 186 1.88 -2.03 1.17
CA CYS A 186 3.29 -2.10 1.55
C CYS A 186 3.88 -0.72 1.79
N ASP A 187 5.21 -0.64 1.77
CA ASP A 187 5.95 0.57 2.14
C ASP A 187 5.48 1.17 3.45
N PHE A 188 6.07 0.66 4.53
CA PHE A 188 5.89 1.21 5.86
C PHE A 188 7.17 1.94 6.30
N GLY A 189 7.99 2.35 5.33
CA GLY A 189 9.22 3.07 5.60
C GLY A 189 9.01 4.53 5.98
N LEU A 190 7.80 5.03 5.71
CA LEU A 190 7.44 6.39 6.13
C LEU A 190 6.20 6.34 7.04
N ALA A 191 5.90 5.16 7.58
CA ALA A 191 4.76 5.00 8.49
C ALA A 191 5.12 5.62 9.83
N ARG A 192 4.20 6.44 10.35
CA ARG A 192 4.45 7.17 11.60
C ARG A 192 3.35 6.87 12.62
N ASP A 193 3.62 7.17 13.89
CA ASP A 193 2.75 6.78 15.00
C ASP A 193 2.14 7.99 15.71
N ILE A 194 0.88 8.30 15.38
CA ILE A 194 0.02 9.24 16.15
C ILE A 194 -1.27 9.54 15.38
N PRO A 209 4.61 12.87 -2.71
CA PRO A 209 4.72 13.12 -4.16
C PRO A 209 3.61 14.03 -4.77
N LEU A 210 2.94 14.80 -3.91
CA LEU A 210 2.15 15.97 -4.30
C LEU A 210 0.81 15.64 -4.97
N LYS A 211 0.81 14.85 -6.03
CA LYS A 211 -0.45 14.44 -6.66
C LYS A 211 -1.32 13.51 -5.77
N TRP A 212 -0.76 12.98 -4.69
CA TRP A 212 -1.52 12.16 -3.72
C TRP A 212 -1.76 12.88 -2.40
N MET A 213 -1.19 14.07 -2.28
CA MET A 213 -1.15 14.80 -1.02
C MET A 213 -2.39 15.66 -0.82
N ALA A 214 -2.90 15.64 0.39
CA ALA A 214 -4.02 16.49 0.78
C ALA A 214 -3.53 17.94 0.85
N PRO A 215 -4.42 18.91 0.56
CA PRO A 215 -4.10 20.35 0.69
C PRO A 215 -3.46 20.77 2.03
N GLU A 216 -4.00 20.31 3.15
CA GLU A 216 -3.44 20.63 4.47
C GLU A 216 -2.02 20.08 4.66
N THR A 217 -1.68 19.00 3.96
CA THR A 217 -0.33 18.44 4.01
C THR A 217 0.59 19.24 3.07
N ILE A 218 0.06 19.64 1.91
CA ILE A 218 0.81 20.53 1.01
C ILE A 218 1.10 21.87 1.68
N PHE A 219 0.05 22.54 2.16
CA PHE A 219 0.16 23.90 2.68
C PHE A 219 0.59 23.99 4.13
N ASP A 220 -0.01 23.18 5.00
CA ASP A 220 0.25 23.29 6.45
C ASP A 220 1.19 22.19 6.96
N ARG A 221 1.68 21.34 6.05
CA ARG A 221 2.61 20.26 6.38
C ARG A 221 1.99 19.17 7.29
N VAL A 222 0.66 19.14 7.35
CA VAL A 222 -0.06 18.22 8.22
C VAL A 222 -0.03 16.80 7.64
N TYR A 223 -0.04 15.79 8.52
CA TYR A 223 -0.34 14.41 8.13
C TYR A 223 -1.21 13.83 9.24
N THR A 224 -2.38 13.34 8.84
CA THR A 224 -3.24 12.61 9.75
C THR A 224 -3.77 11.43 8.98
N ILE A 225 -4.50 10.56 9.68
CA ILE A 225 -5.22 9.49 9.03
C ILE A 225 -6.19 10.08 7.99
N GLN A 226 -6.76 11.25 8.28
CA GLN A 226 -7.67 11.90 7.31
C GLN A 226 -6.96 12.39 6.05
N SER A 227 -5.67 12.71 6.14
CA SER A 227 -4.87 12.99 4.95
C SER A 227 -4.64 11.71 4.12
N ASP A 228 -4.49 10.57 4.79
CA ASP A 228 -4.45 9.27 4.10
C ASP A 228 -5.78 8.99 3.39
N VAL A 229 -6.90 9.45 3.94
CA VAL A 229 -8.18 9.28 3.26
C VAL A 229 -8.19 10.01 1.93
N TRP A 230 -7.64 11.22 1.89
CA TRP A 230 -7.52 11.95 0.64
C TRP A 230 -6.70 11.13 -0.36
N SER A 231 -5.55 10.64 0.08
CA SER A 231 -4.71 9.79 -0.76
C SER A 231 -5.45 8.55 -1.20
N PHE A 232 -6.19 7.92 -0.30
CA PHE A 232 -7.00 6.78 -0.69
C PHE A 232 -7.90 7.15 -1.86
N GLY A 233 -8.46 8.36 -1.84
CA GLY A 233 -9.28 8.85 -2.95
C GLY A 233 -8.53 8.88 -4.28
N VAL A 234 -7.29 9.35 -4.23
CA VAL A 234 -6.44 9.36 -5.43
C VAL A 234 -6.12 7.91 -5.89
N LEU A 235 -5.94 7.02 -4.92
CA LEU A 235 -5.75 5.60 -5.21
C LEU A 235 -6.97 4.99 -5.90
N LEU A 236 -8.17 5.32 -5.43
CA LEU A 236 -9.39 4.86 -6.10
C LEU A 236 -9.41 5.31 -7.56
N TRP A 237 -9.04 6.57 -7.79
CA TRP A 237 -8.99 7.10 -9.15
C TRP A 237 -8.01 6.29 -9.99
N GLU A 238 -6.85 5.96 -9.41
CA GLU A 238 -5.88 5.09 -10.06
C GLU A 238 -6.46 3.70 -10.42
N ILE A 239 -7.19 3.11 -9.48
CA ILE A 239 -7.80 1.80 -9.73
C ILE A 239 -8.79 1.88 -10.89
N PHE A 240 -9.71 2.85 -10.86
CA PHE A 240 -10.78 2.92 -11.86
C PHE A 240 -10.39 3.69 -13.13
N SER A 241 -9.11 4.05 -13.23
CA SER A 241 -8.48 4.45 -14.50
C SER A 241 -7.63 3.29 -15.07
N LEU A 242 -7.61 2.17 -14.34
CA LEU A 242 -6.67 1.06 -14.59
C LEU A 242 -5.21 1.54 -14.66
N GLY A 243 -4.77 2.17 -13.58
CA GLY A 243 -3.35 2.50 -13.41
C GLY A 243 -2.85 3.69 -14.21
N ALA A 244 -3.73 4.63 -14.55
CA ALA A 244 -3.30 5.90 -15.14
C ALA A 244 -2.71 6.78 -14.03
N SER A 245 -1.92 7.75 -14.46
CA SER A 245 -1.27 8.71 -13.58
C SER A 245 -2.28 9.81 -13.26
N PRO A 246 -2.38 10.22 -11.98
CA PRO A 246 -3.36 11.24 -11.59
C PRO A 246 -3.18 12.60 -12.24
N TYR A 247 -4.27 13.34 -12.33
CA TYR A 247 -4.27 14.68 -12.93
C TYR A 247 -3.57 14.67 -14.30
N PRO A 248 -4.11 13.92 -15.27
CA PRO A 248 -3.49 13.78 -16.60
C PRO A 248 -3.18 15.09 -17.31
N GLY A 249 -1.92 15.32 -17.65
CA GLY A 249 -1.52 16.50 -18.43
C GLY A 249 -1.63 17.81 -17.67
N VAL A 250 -1.67 17.73 -16.35
CA VAL A 250 -1.75 18.91 -15.49
C VAL A 250 -0.36 19.23 -14.92
N LYS A 251 0.05 20.48 -15.06
CA LYS A 251 1.30 20.97 -14.47
C LYS A 251 1.19 21.07 -12.95
N ILE A 252 2.05 20.34 -12.26
CA ILE A 252 2.12 20.41 -10.80
C ILE A 252 2.98 21.61 -10.41
N ASP A 253 2.33 22.75 -10.31
CA ASP A 253 2.99 24.02 -10.00
C ASP A 253 2.16 24.83 -8.98
N GLU A 254 2.51 26.11 -8.80
CA GLU A 254 1.79 26.96 -7.85
C GLU A 254 0.31 27.12 -8.20
N GLU A 255 -0.02 27.06 -9.48
CA GLU A 255 -1.41 27.11 -9.94
C GLU A 255 -2.21 25.88 -9.51
N PHE A 256 -1.66 24.69 -9.76
CA PHE A 256 -2.30 23.42 -9.40
C PHE A 256 -2.77 23.42 -7.94
N CYS A 257 -1.91 23.93 -7.06
CA CYS A 257 -2.21 24.02 -5.64
C CYS A 257 -3.26 25.09 -5.34
N ARG A 258 -3.23 26.19 -6.09
CA ARG A 258 -4.31 27.16 -6.05
C ARG A 258 -5.63 26.46 -6.39
N ARG A 259 -5.69 25.83 -7.56
CA ARG A 259 -6.88 25.14 -8.03
C ARG A 259 -7.41 24.11 -7.02
N LEU A 260 -6.48 23.36 -6.42
CA LEU A 260 -6.82 22.33 -5.46
C LEU A 260 -7.43 22.93 -4.18
N LYS A 261 -6.81 24.01 -3.69
N LYS A 261 -6.84 24.01 -3.69
CA LYS A 261 -7.34 24.80 -2.59
CA LYS A 261 -7.35 24.70 -2.49
C LYS A 261 -8.75 25.30 -2.90
C LYS A 261 -8.69 25.37 -2.77
N GLU A 262 -8.89 25.98 -4.03
N GLU A 262 -8.89 25.81 -4.01
CA GLU A 262 -10.20 26.45 -4.50
CA GLU A 262 -10.15 26.43 -4.41
C GLU A 262 -11.28 25.39 -4.39
C GLU A 262 -11.29 25.43 -4.58
N GLY A 263 -10.93 24.15 -4.75
CA GLY A 263 -11.91 23.06 -4.86
C GLY A 263 -11.91 22.31 -6.18
N THR A 264 -10.95 22.58 -7.05
CA THR A 264 -10.85 21.84 -8.31
C THR A 264 -10.46 20.38 -8.04
N ARG A 265 -11.09 19.46 -8.76
CA ARG A 265 -10.86 18.03 -8.61
C ARG A 265 -10.75 17.35 -9.96
N MET A 266 -10.04 16.22 -9.98
CA MET A 266 -10.08 15.32 -11.13
C MET A 266 -11.50 14.96 -11.55
N ARG A 267 -11.71 14.83 -12.85
CA ARG A 267 -12.95 14.30 -13.39
C ARG A 267 -12.94 12.78 -13.22
N ALA A 268 -14.08 12.17 -13.48
CA ALA A 268 -14.27 10.74 -13.28
C ALA A 268 -13.41 9.95 -14.26
N PRO A 269 -12.74 8.88 -13.78
CA PRO A 269 -11.91 8.06 -14.69
C PRO A 269 -12.72 7.14 -15.59
N ASP A 270 -12.07 6.59 -16.61
CA ASP A 270 -12.74 5.84 -17.68
C ASP A 270 -13.57 4.62 -17.23
N TYR A 271 -13.17 3.97 -16.14
CA TYR A 271 -13.81 2.70 -15.76
C TYR A 271 -14.51 2.72 -14.42
N THR A 272 -14.92 3.90 -13.97
CA THR A 272 -15.58 4.04 -12.67
C THR A 272 -17.08 3.86 -12.77
N THR A 273 -17.70 3.55 -11.63
CA THR A 273 -19.14 3.68 -11.50
C THR A 273 -19.39 5.06 -10.91
N PRO A 274 -20.64 5.58 -11.07
CA PRO A 274 -21.05 6.80 -10.41
C PRO A 274 -20.75 6.79 -8.91
N GLU A 275 -21.06 5.67 -8.26
CA GLU A 275 -20.94 5.56 -6.81
C GLU A 275 -19.50 5.66 -6.37
N MET A 276 -18.61 5.11 -7.18
CA MET A 276 -17.19 5.12 -6.87
C MET A 276 -16.58 6.49 -7.10
N TYR A 277 -17.07 7.21 -8.10
CA TYR A 277 -16.59 8.57 -8.30
C TYR A 277 -17.07 9.45 -7.13
N GLN A 278 -18.29 9.22 -6.67
CA GLN A 278 -18.82 9.96 -5.53
C GLN A 278 -17.96 9.72 -4.30
N THR A 279 -17.47 8.51 -4.13
CA THR A 279 -16.61 8.19 -3.01
C THR A 279 -15.25 8.91 -3.13
N MET A 280 -14.69 8.99 -4.35
CA MET A 280 -13.48 9.80 -4.59
C MET A 280 -13.70 11.26 -4.15
N LEU A 281 -14.80 11.84 -4.59
CA LEU A 281 -15.14 13.21 -4.22
C LEU A 281 -15.28 13.39 -2.71
N ASP A 282 -15.88 12.41 -2.06
CA ASP A 282 -16.00 12.41 -0.60
C ASP A 282 -14.63 12.39 0.09
N CYS A 283 -13.72 11.56 -0.42
CA CYS A 283 -12.36 11.46 0.11
C CYS A 283 -11.56 12.74 -0.14
N TRP A 284 -11.93 13.45 -1.21
CA TRP A 284 -11.32 14.72 -1.51
C TRP A 284 -12.03 15.93 -0.89
N HIS A 285 -12.79 15.74 0.20
CA HIS A 285 -13.38 16.90 0.88
C HIS A 285 -12.26 17.83 1.34
N GLY A 286 -12.47 19.14 1.17
CA GLY A 286 -11.55 20.17 1.68
C GLY A 286 -11.31 20.12 3.19
N GLU A 287 -12.40 19.92 3.94
N GLU A 287 -12.38 19.97 3.96
CA GLU A 287 -12.34 19.78 5.40
CA GLU A 287 -12.28 19.83 5.42
C GLU A 287 -12.00 18.32 5.75
C GLU A 287 -12.00 18.36 5.78
N PRO A 288 -10.82 18.07 6.39
CA PRO A 288 -10.44 16.70 6.75
C PRO A 288 -11.46 15.91 7.59
N SER A 289 -12.05 16.59 8.57
CA SER A 289 -13.07 15.97 9.42
C SER A 289 -14.36 15.63 8.66
N GLN A 290 -14.54 16.17 7.45
CA GLN A 290 -15.72 15.90 6.63
C GLN A 290 -15.49 14.76 5.65
N ARG A 291 -14.25 14.34 5.49
CA ARG A 291 -13.96 13.13 4.74
C ARG A 291 -14.43 11.91 5.53
N PRO A 292 -14.81 10.84 4.83
CA PRO A 292 -15.12 9.60 5.54
C PRO A 292 -13.93 9.07 6.30
N THR A 293 -14.19 8.37 7.39
CA THR A 293 -13.15 7.59 8.05
C THR A 293 -12.98 6.29 7.28
N PHE A 294 -11.89 5.56 7.56
CA PHE A 294 -11.65 4.30 6.86
C PHE A 294 -12.67 3.24 7.24
N SER A 295 -13.14 3.27 8.48
CA SER A 295 -14.21 2.36 8.90
C SER A 295 -15.46 2.60 8.06
N GLU A 296 -15.84 3.87 7.87
CA GLU A 296 -16.98 4.21 7.03
C GLU A 296 -16.76 3.76 5.59
N LEU A 297 -15.54 3.91 5.07
CA LEU A 297 -15.23 3.46 3.72
C LEU A 297 -15.33 1.95 3.58
N VAL A 298 -14.84 1.21 4.59
CA VAL A 298 -15.00 -0.25 4.63
C VAL A 298 -16.49 -0.66 4.61
N GLU A 299 -17.32 0.02 5.40
CA GLU A 299 -18.77 -0.22 5.36
C GLU A 299 -19.32 0.02 3.97
N HIS A 300 -19.07 1.21 3.46
CA HIS A 300 -19.64 1.65 2.20
C HIS A 300 -19.19 0.80 1.01
N LEU A 301 -17.90 0.48 0.96
CA LEU A 301 -17.35 -0.28 -0.14
C LEU A 301 -17.85 -1.72 -0.06
N GLY A 302 -18.02 -2.22 1.15
CA GLY A 302 -18.63 -3.53 1.33
C GLY A 302 -20.00 -3.60 0.70
N ASN A 303 -20.79 -2.51 0.84
CA ASN A 303 -22.13 -2.44 0.24
C ASN A 303 -22.11 -2.33 -1.29
N LEU A 304 -21.11 -1.62 -1.82
CA LEU A 304 -20.96 -1.56 -3.27
C LEU A 304 -20.58 -2.92 -3.84
N LEU A 305 -19.77 -3.69 -3.11
CA LEU A 305 -19.27 -4.95 -3.61
C LEU A 305 -20.44 -5.89 -3.77
N GLN A 306 -21.24 -6.02 -2.72
CA GLN A 306 -22.44 -6.83 -2.71
C GLN A 306 -23.56 -6.35 -3.66
N ALA A 307 -23.55 -5.08 -4.03
CA ALA A 307 -24.51 -4.52 -4.99
C ALA A 307 -24.12 -4.92 -6.41
N ASN A 308 -22.81 -4.86 -6.69
CA ASN A 308 -22.25 -5.40 -7.94
C ASN A 308 -22.59 -6.89 -8.07
N ALA A 309 -22.53 -7.60 -6.94
CA ALA A 309 -22.92 -9.01 -6.86
C ALA A 309 -24.39 -9.15 -6.44
#